data_2HGZ
#
_entry.id   2HGZ
#
_cell.length_a   101.639
_cell.length_b   101.639
_cell.length_c   71.466
_cell.angle_alpha   90.00
_cell.angle_beta   90.00
_cell.angle_gamma   90.00
#
_symmetry.space_group_name_H-M   'P 43 21 2'
#
loop_
_entity.id
_entity.type
_entity.pdbx_description
1 polymer 'Tyrosyl-tRNA synthetase'
2 non-polymer PARA-(BENZOYL)-PHENYLALANINE
3 water water
#
_entity_poly.entity_id   1
_entity_poly.type   'polypeptide(L)'
_entity_poly.pdbx_seq_one_letter_code
;DEFEMIKRNTSEIISEEELREVLKKDEKSAGIGFEPSGKIHLGHYLQIKKMIDLQNAGFDIIILLADLHAYLNQKGELDE
IRKIGDYNKKVFEAMGLKAKYVYGSPFQLDKDYTLNVYRLALKTTLKRARRSMELIAREDENPKVAEVIYPIMQVNTSHR
LGVDVAVGGMEQRKIHMLARELLPKKVVMIHNPVLTGLDGEGKMSSSKGNFIAVDDSPEEIRAKIKKAYCPAGVVEGNPI
MEIAKYFLEYPLTIKRPEKFGGDLTVNSYEELESLFKNKELHPMDLKNAVAEELIKILEPIRKRLL
;
_entity_poly.pdbx_strand_id   A
#
# COMPACT_ATOMS: atom_id res chain seq x y z
N ASP A 1 -13.05 -11.61 -14.78
CA ASP A 1 -13.16 -12.67 -13.72
C ASP A 1 -12.65 -12.17 -12.37
N GLU A 2 -12.46 -13.11 -11.44
CA GLU A 2 -11.96 -12.78 -10.11
C GLU A 2 -10.45 -12.59 -10.14
N PHE A 3 -9.75 -13.50 -10.81
CA PHE A 3 -8.29 -13.43 -10.94
C PHE A 3 -7.88 -12.04 -11.40
N GLU A 4 -8.23 -11.69 -12.62
CA GLU A 4 -7.90 -10.39 -13.17
C GLU A 4 -8.39 -9.25 -12.27
N MET A 5 -9.56 -9.42 -11.67
CA MET A 5 -10.11 -8.41 -10.79
C MET A 5 -9.11 -8.11 -9.67
N ILE A 6 -8.41 -9.16 -9.24
CA ILE A 6 -7.40 -9.06 -8.20
C ILE A 6 -6.07 -8.57 -8.80
N LYS A 7 -5.80 -9.01 -10.02
CA LYS A 7 -4.57 -8.65 -10.73
C LYS A 7 -4.56 -7.19 -11.15
N ARG A 8 -5.75 -6.60 -11.31
CA ARG A 8 -5.84 -5.21 -11.72
C ARG A 8 -5.05 -4.24 -10.85
N ASN A 9 -4.22 -3.43 -11.49
CA ASN A 9 -3.39 -2.43 -10.83
C ASN A 9 -2.35 -2.92 -9.84
N THR A 10 -1.93 -4.16 -9.98
CA THR A 10 -0.91 -4.71 -9.11
C THR A 10 0.36 -4.74 -9.93
N SER A 11 1.52 -4.71 -9.27
CA SER A 11 2.77 -4.73 -10.00
C SER A 11 3.17 -6.15 -10.33
N GLU A 12 2.85 -7.08 -9.44
CA GLU A 12 3.17 -8.47 -9.68
C GLU A 12 2.53 -9.42 -8.67
N ILE A 13 2.32 -10.64 -9.11
CA ILE A 13 1.75 -11.71 -8.30
C ILE A 13 2.77 -12.83 -8.40
N ILE A 14 3.49 -13.10 -7.32
CA ILE A 14 4.50 -14.14 -7.33
C ILE A 14 3.79 -15.49 -7.47
N SER A 15 3.68 -15.90 -8.73
CA SER A 15 3.05 -17.13 -9.17
C SER A 15 1.56 -16.91 -9.36
N GLU A 16 1.15 -16.71 -10.61
CA GLU A 16 -0.26 -16.52 -10.93
C GLU A 16 -0.88 -17.91 -10.95
N GLU A 17 -0.03 -18.92 -11.06
CA GLU A 17 -0.46 -20.32 -11.06
C GLU A 17 -0.93 -20.65 -9.65
N GLU A 18 -0.07 -20.35 -8.67
CA GLU A 18 -0.40 -20.61 -7.27
C GLU A 18 -1.65 -19.85 -6.86
N LEU A 19 -1.82 -18.65 -7.41
CA LEU A 19 -2.97 -17.82 -7.10
C LEU A 19 -4.25 -18.45 -7.65
N ARG A 20 -4.12 -19.15 -8.77
CA ARG A 20 -5.27 -19.80 -9.39
C ARG A 20 -5.67 -21.02 -8.55
N GLU A 21 -4.67 -21.71 -8.01
CA GLU A 21 -4.93 -22.87 -7.15
C GLU A 21 -5.68 -22.39 -5.90
N VAL A 22 -5.29 -21.21 -5.40
CA VAL A 22 -5.91 -20.62 -4.22
C VAL A 22 -7.37 -20.23 -4.43
N LEU A 23 -7.66 -19.63 -5.57
CA LEU A 23 -9.02 -19.19 -5.86
C LEU A 23 -10.02 -20.37 -5.85
N LYS A 24 -9.52 -21.57 -6.10
CA LYS A 24 -10.37 -22.76 -6.10
C LYS A 24 -10.82 -23.15 -4.69
N LYS A 25 -9.97 -22.92 -3.70
CA LYS A 25 -10.29 -23.26 -2.32
C LYS A 25 -11.52 -22.50 -1.83
N ASP A 26 -12.25 -23.11 -0.91
CA ASP A 26 -13.44 -22.49 -0.35
C ASP A 26 -13.05 -21.46 0.69
N GLU A 27 -12.11 -21.84 1.55
CA GLU A 27 -11.64 -20.93 2.56
C GLU A 27 -10.21 -20.48 2.25
N LYS A 28 -10.07 -19.18 2.02
CA LYS A 28 -8.79 -18.57 1.69
C LYS A 28 -8.61 -17.29 2.47
N SER A 29 -7.39 -17.05 2.92
CA SER A 29 -7.11 -15.85 3.69
C SER A 29 -6.03 -15.02 3.02
N ALA A 30 -6.19 -13.70 3.12
CA ALA A 30 -5.22 -12.79 2.56
C ALA A 30 -4.80 -11.90 3.71
N GLY A 31 -3.53 -11.54 3.74
CA GLY A 31 -3.07 -10.69 4.83
C GLY A 31 -2.09 -9.61 4.42
N ILE A 32 -2.10 -8.52 5.17
CA ILE A 32 -1.20 -7.42 4.92
C ILE A 32 -0.83 -6.84 6.27
N GLY A 33 0.38 -6.30 6.37
CA GLY A 33 0.79 -5.72 7.63
C GLY A 33 1.25 -4.30 7.45
N PHE A 34 1.02 -3.48 8.47
CA PHE A 34 1.42 -2.08 8.42
C PHE A 34 2.07 -1.65 9.71
N GLU A 35 3.17 -0.94 9.60
CA GLU A 35 3.79 -0.40 10.78
C GLU A 35 2.81 0.74 11.04
N PRO A 36 2.27 0.85 12.26
CA PRO A 36 1.34 1.94 12.54
C PRO A 36 1.92 3.27 12.08
N SER A 37 1.09 4.05 11.39
CA SER A 37 1.48 5.35 10.86
C SER A 37 0.61 6.48 11.39
N GLY A 38 1.24 7.64 11.63
CA GLY A 38 0.53 8.80 12.15
C GLY A 38 -0.53 9.30 11.19
N LYS A 39 -0.25 9.19 9.90
CA LYS A 39 -1.17 9.62 8.86
C LYS A 39 -1.32 8.49 7.86
N ILE A 40 -2.57 8.18 7.52
CA ILE A 40 -2.85 7.13 6.55
C ILE A 40 -3.07 7.85 5.22
N HIS A 41 -2.23 7.52 4.24
CA HIS A 41 -2.31 8.16 2.93
C HIS A 41 -2.77 7.25 1.79
N LEU A 42 -2.78 7.81 0.58
CA LEU A 42 -3.20 7.09 -0.62
C LEU A 42 -2.46 5.76 -0.77
N GLY A 43 -1.19 5.76 -0.37
CA GLY A 43 -0.41 4.55 -0.46
C GLY A 43 -1.15 3.45 0.30
N HIS A 44 -1.55 3.75 1.53
CA HIS A 44 -2.26 2.76 2.32
C HIS A 44 -3.59 2.41 1.68
N TYR A 45 -4.30 3.43 1.21
CA TYR A 45 -5.59 3.24 0.60
C TYR A 45 -5.50 2.30 -0.59
N LEU A 46 -4.52 2.53 -1.45
CA LEU A 46 -4.32 1.69 -2.62
C LEU A 46 -4.29 0.22 -2.15
N GLN A 47 -3.53 -0.04 -1.10
CA GLN A 47 -3.41 -1.40 -0.59
C GLN A 47 -4.65 -1.94 0.10
N ILE A 48 -5.37 -1.09 0.82
CA ILE A 48 -6.58 -1.54 1.48
C ILE A 48 -7.61 -1.82 0.39
N LYS A 49 -7.63 -0.99 -0.65
CA LYS A 49 -8.53 -1.17 -1.78
C LYS A 49 -8.27 -2.54 -2.38
N LYS A 50 -7.01 -2.92 -2.44
CA LYS A 50 -6.65 -4.21 -2.99
C LYS A 50 -7.10 -5.34 -2.05
N MET A 51 -7.04 -5.09 -0.74
CA MET A 51 -7.48 -6.11 0.21
C MET A 51 -8.98 -6.30 0.05
N ILE A 52 -9.70 -5.21 -0.24
CA ILE A 52 -11.13 -5.30 -0.44
C ILE A 52 -11.41 -6.12 -1.71
N ASP A 53 -10.63 -5.94 -2.76
CA ASP A 53 -10.82 -6.72 -3.98
C ASP A 53 -10.79 -8.21 -3.64
N LEU A 54 -9.79 -8.60 -2.85
CA LEU A 54 -9.63 -9.99 -2.43
C LEU A 54 -10.83 -10.45 -1.60
N GLN A 55 -11.27 -9.58 -0.69
CA GLN A 55 -12.39 -9.88 0.18
C GLN A 55 -13.63 -10.14 -0.67
N ASN A 56 -13.83 -9.31 -1.69
CA ASN A 56 -14.97 -9.47 -2.58
C ASN A 56 -14.83 -10.79 -3.33
N ALA A 57 -13.61 -11.30 -3.39
CA ALA A 57 -13.33 -12.56 -4.07
C ALA A 57 -13.37 -13.75 -3.11
N GLY A 58 -13.96 -13.55 -1.94
CA GLY A 58 -14.09 -14.64 -0.97
C GLY A 58 -12.98 -14.90 0.03
N PHE A 59 -12.00 -14.00 0.09
CA PHE A 59 -10.88 -14.14 1.02
C PHE A 59 -11.19 -13.55 2.38
N ASP A 60 -10.74 -14.23 3.43
CA ASP A 60 -10.94 -13.71 4.77
C ASP A 60 -9.75 -12.74 4.87
N ILE A 61 -10.00 -11.55 5.39
CA ILE A 61 -8.93 -10.57 5.49
C ILE A 61 -8.31 -10.44 6.86
N ILE A 62 -6.99 -10.49 6.89
CA ILE A 62 -6.23 -10.34 8.12
C ILE A 62 -5.35 -9.11 7.97
N ILE A 63 -5.51 -8.17 8.90
CA ILE A 63 -4.73 -6.94 8.89
C ILE A 63 -3.84 -6.96 10.10
N LEU A 64 -2.53 -7.00 9.88
CA LEU A 64 -1.60 -7.01 10.99
C LEU A 64 -1.15 -5.60 11.33
N LEU A 65 -1.50 -5.16 12.53
CA LEU A 65 -1.07 -3.85 13.02
C LEU A 65 0.28 -4.24 13.64
N ALA A 66 1.33 -4.12 12.82
CA ALA A 66 2.70 -4.50 13.21
C ALA A 66 3.40 -3.59 14.20
N ASP A 67 2.99 -3.65 15.46
CA ASP A 67 3.59 -2.81 16.48
C ASP A 67 5.03 -3.19 16.83
N LEU A 68 5.32 -4.49 16.91
CA LEU A 68 6.65 -4.93 17.23
C LEU A 68 7.62 -4.54 16.10
N HIS A 69 7.21 -4.79 14.86
CA HIS A 69 8.04 -4.44 13.71
C HIS A 69 8.33 -2.94 13.73
N ALA A 70 7.31 -2.14 14.01
CA ALA A 70 7.46 -0.70 14.05
C ALA A 70 8.41 -0.35 15.19
N TYR A 71 8.34 -1.11 16.28
CA TYR A 71 9.21 -0.89 17.42
C TYR A 71 10.63 -1.21 16.98
N LEU A 72 10.79 -2.34 16.30
CA LEU A 72 12.10 -2.74 15.82
C LEU A 72 12.64 -1.75 14.79
N ASN A 73 11.74 -1.07 14.09
CA ASN A 73 12.15 -0.11 13.07
C ASN A 73 12.14 1.33 13.57
N GLN A 74 12.40 1.49 14.86
CA GLN A 74 12.51 2.81 15.48
C GLN A 74 11.34 3.77 15.35
N LYS A 75 10.13 3.29 15.58
CA LYS A 75 8.95 4.15 15.50
C LYS A 75 8.54 4.64 16.90
N GLY A 76 9.29 4.24 17.92
CA GLY A 76 8.97 4.67 19.27
C GLY A 76 8.67 3.56 20.24
N GLU A 77 7.93 3.87 21.29
CA GLU A 77 7.57 2.87 22.28
C GLU A 77 6.30 2.10 21.92
N LEU A 78 6.27 0.83 22.27
CA LEU A 78 5.14 -0.04 21.96
C LEU A 78 3.75 0.49 22.29
N ASP A 79 3.52 0.97 23.51
CA ASP A 79 2.18 1.45 23.82
C ASP A 79 1.80 2.65 22.95
N GLU A 80 2.77 3.54 22.73
CA GLU A 80 2.52 4.71 21.90
C GLU A 80 2.20 4.21 20.48
N ILE A 81 3.00 3.27 20.01
CA ILE A 81 2.80 2.69 18.68
C ILE A 81 1.46 1.99 18.63
N ARG A 82 1.10 1.33 19.73
CA ARG A 82 -0.14 0.60 19.84
C ARG A 82 -1.35 1.51 19.68
N LYS A 83 -1.27 2.75 20.17
CA LYS A 83 -2.41 3.65 20.03
C LYS A 83 -2.54 4.20 18.62
N ILE A 84 -1.42 4.39 17.93
CA ILE A 84 -1.47 4.87 16.55
C ILE A 84 -2.02 3.72 15.70
N GLY A 85 -1.72 2.49 16.10
CA GLY A 85 -2.23 1.35 15.38
C GLY A 85 -3.73 1.31 15.53
N ASP A 86 -4.18 1.69 16.72
CA ASP A 86 -5.61 1.70 17.04
C ASP A 86 -6.33 2.67 16.09
N TYR A 87 -5.77 3.85 15.93
CA TYR A 87 -6.31 4.88 15.06
C TYR A 87 -6.32 4.40 13.60
N ASN A 88 -5.27 3.71 13.18
CA ASN A 88 -5.19 3.18 11.83
C ASN A 88 -6.32 2.20 11.56
N LYS A 89 -6.63 1.38 12.56
CA LYS A 89 -7.71 0.40 12.43
C LYS A 89 -9.00 1.12 12.06
N LYS A 90 -9.28 2.22 12.75
CA LYS A 90 -10.49 2.98 12.48
C LYS A 90 -10.46 3.59 11.09
N VAL A 91 -9.33 4.12 10.68
CA VAL A 91 -9.21 4.68 9.34
C VAL A 91 -9.43 3.58 8.30
N PHE A 92 -8.96 2.38 8.62
CA PHE A 92 -9.12 1.24 7.73
C PHE A 92 -10.58 0.82 7.71
N GLU A 93 -11.24 0.89 8.87
CA GLU A 93 -12.65 0.52 8.92
C GLU A 93 -13.43 1.59 8.16
N ALA A 94 -13.01 2.84 8.32
CA ALA A 94 -13.65 3.96 7.65
C ALA A 94 -13.54 3.80 6.13
N MET A 95 -12.52 3.08 5.67
CA MET A 95 -12.35 2.86 4.24
C MET A 95 -13.31 1.78 3.75
N GLY A 96 -14.03 1.16 4.68
CA GLY A 96 -14.96 0.12 4.33
C GLY A 96 -14.39 -1.27 4.38
N LEU A 97 -13.29 -1.45 5.11
CA LEU A 97 -12.71 -2.78 5.21
C LEU A 97 -13.14 -3.50 6.48
N LYS A 98 -13.93 -4.54 6.28
CA LYS A 98 -14.41 -5.39 7.36
C LYS A 98 -13.39 -6.51 7.43
N ALA A 99 -12.66 -6.62 8.53
CA ALA A 99 -11.66 -7.66 8.64
C ALA A 99 -11.15 -7.90 10.05
N LYS A 100 -10.35 -8.95 10.18
CA LYS A 100 -9.75 -9.30 11.46
C LYS A 100 -8.49 -8.46 11.65
N TYR A 101 -8.49 -7.64 12.69
CA TYR A 101 -7.34 -6.80 12.99
C TYR A 101 -6.59 -7.34 14.20
N VAL A 102 -5.31 -7.64 14.02
CA VAL A 102 -4.49 -8.16 15.13
C VAL A 102 -3.15 -7.45 15.26
N TYR A 103 -2.75 -7.21 16.50
CA TYR A 103 -1.46 -6.61 16.78
C TYR A 103 -0.47 -7.76 16.68
N GLY A 104 0.80 -7.47 16.45
CA GLY A 104 1.78 -8.53 16.34
C GLY A 104 2.36 -9.03 17.65
N SER A 105 2.62 -8.12 18.58
CA SER A 105 3.23 -8.46 19.87
C SER A 105 2.56 -9.54 20.71
N PRO A 106 1.23 -9.64 20.67
CA PRO A 106 0.55 -10.67 21.47
C PRO A 106 1.04 -12.08 21.19
N PHE A 107 1.54 -12.32 19.97
CA PHE A 107 2.02 -13.65 19.63
C PHE A 107 3.47 -13.68 19.17
N GLN A 108 4.02 -12.51 18.79
CA GLN A 108 5.39 -12.43 18.31
C GLN A 108 6.48 -12.46 19.38
N LEU A 109 6.08 -12.64 20.63
CA LEU A 109 7.03 -12.70 21.75
C LEU A 109 6.91 -14.03 22.49
N ASP A 110 6.14 -14.94 21.91
CA ASP A 110 5.91 -16.27 22.45
C ASP A 110 7.16 -17.16 22.35
N LYS A 111 7.41 -17.91 23.42
CA LYS A 111 8.55 -18.83 23.54
C LYS A 111 8.94 -19.54 22.24
N ASP A 112 7.97 -20.21 21.62
CA ASP A 112 8.23 -20.95 20.39
C ASP A 112 8.42 -20.06 19.17
N TYR A 113 7.65 -18.98 19.12
CA TYR A 113 7.76 -18.05 18.01
C TYR A 113 9.19 -17.52 17.98
N THR A 114 9.75 -17.24 19.15
CA THR A 114 11.09 -16.71 19.26
C THR A 114 12.15 -17.73 18.85
N LEU A 115 11.97 -18.98 19.23
CA LEU A 115 12.94 -20.00 18.87
C LEU A 115 12.91 -20.13 17.34
N ASN A 116 11.74 -19.92 16.77
CA ASN A 116 11.60 -19.99 15.33
C ASN A 116 12.29 -18.82 14.66
N VAL A 117 12.34 -17.70 15.36
CA VAL A 117 13.00 -16.50 14.84
C VAL A 117 14.51 -16.78 14.79
N TYR A 118 15.03 -17.40 15.85
CA TYR A 118 16.44 -17.73 15.94
C TYR A 118 16.81 -18.83 14.94
N ARG A 119 15.85 -19.69 14.64
CA ARG A 119 16.06 -20.78 13.68
C ARG A 119 16.26 -20.11 12.32
N LEU A 120 15.36 -19.18 12.00
CA LEU A 120 15.43 -18.44 10.75
C LEU A 120 16.70 -17.58 10.69
N ALA A 121 17.12 -17.04 11.83
CA ALA A 121 18.33 -16.21 11.89
C ALA A 121 19.57 -17.04 11.53
N LEU A 122 19.45 -18.35 11.68
CA LEU A 122 20.54 -19.28 11.38
C LEU A 122 20.63 -19.57 9.88
N LYS A 123 19.58 -19.27 9.13
CA LYS A 123 19.57 -19.53 7.69
C LYS A 123 19.53 -18.23 6.88
N THR A 124 19.48 -17.09 7.56
CA THR A 124 19.42 -15.78 6.89
C THR A 124 20.74 -15.01 7.00
N THR A 125 21.44 -14.81 5.89
CA THR A 125 22.71 -14.08 5.96
C THR A 125 22.44 -12.63 6.31
N LEU A 126 23.43 -11.99 6.92
CA LEU A 126 23.32 -10.59 7.27
C LEU A 126 23.21 -9.77 5.98
N LYS A 127 23.99 -10.13 4.97
CA LYS A 127 23.91 -9.37 3.73
C LYS A 127 22.52 -9.49 3.12
N ARG A 128 21.99 -10.71 3.07
CA ARG A 128 20.67 -10.93 2.53
C ARG A 128 19.64 -10.11 3.34
N ALA A 129 19.78 -10.13 4.66
CA ALA A 129 18.86 -9.39 5.52
C ALA A 129 18.96 -7.88 5.35
N ARG A 130 20.18 -7.36 5.26
CA ARG A 130 20.38 -5.93 5.07
C ARG A 130 19.74 -5.48 3.74
N ARG A 131 19.94 -6.28 2.69
CA ARG A 131 19.39 -5.96 1.38
C ARG A 131 17.87 -5.84 1.35
N SER A 132 17.16 -6.67 2.11
CA SER A 132 15.70 -6.63 2.11
C SER A 132 15.13 -5.44 2.86
N MET A 133 15.95 -4.80 3.67
CA MET A 133 15.51 -3.65 4.46
C MET A 133 15.88 -2.32 3.83
N GLU A 134 16.49 -2.37 2.65
CA GLU A 134 16.92 -1.14 1.97
C GLU A 134 15.81 -0.13 1.77
N LEU A 135 14.62 -0.59 1.37
CA LEU A 135 13.52 0.33 1.13
C LEU A 135 12.59 0.47 2.33
N ILE A 136 12.88 -0.29 3.38
CA ILE A 136 12.03 -0.26 4.58
C ILE A 136 12.70 0.32 5.84
N ALA A 137 13.96 -0.02 6.06
CA ALA A 137 14.67 0.44 7.24
C ALA A 137 14.64 1.94 7.43
N ARG A 138 14.38 2.35 8.68
CA ARG A 138 14.36 3.76 9.01
C ARG A 138 15.78 4.26 8.75
N GLU A 139 15.92 5.45 8.20
CA GLU A 139 17.25 5.97 7.90
C GLU A 139 18.07 6.05 9.18
N ASP A 140 19.29 5.50 9.13
CA ASP A 140 20.18 5.49 10.28
C ASP A 140 21.65 5.36 9.82
N GLU A 141 22.50 6.26 10.29
CA GLU A 141 23.91 6.24 9.91
C GLU A 141 24.62 5.07 10.60
N ASN A 142 23.99 4.54 11.63
CA ASN A 142 24.58 3.44 12.37
C ASN A 142 23.57 2.31 12.52
N PRO A 143 23.31 1.57 11.41
CA PRO A 143 22.37 0.45 11.38
C PRO A 143 22.44 -0.41 12.62
N LYS A 144 21.29 -0.56 13.26
CA LYS A 144 21.17 -1.35 14.47
C LYS A 144 20.92 -2.81 14.15
N VAL A 145 21.16 -3.66 15.14
CA VAL A 145 20.95 -5.08 14.98
C VAL A 145 19.47 -5.33 14.69
N ALA A 146 18.63 -4.47 15.29
CA ALA A 146 17.19 -4.56 15.12
C ALA A 146 16.79 -4.56 13.65
N GLU A 147 17.58 -3.91 12.81
CA GLU A 147 17.25 -3.84 11.40
C GLU A 147 17.20 -5.21 10.74
N VAL A 148 18.06 -6.12 11.15
CA VAL A 148 18.09 -7.43 10.52
C VAL A 148 17.18 -8.44 11.19
N ILE A 149 16.69 -8.11 12.39
CA ILE A 149 15.78 -9.00 13.08
C ILE A 149 14.42 -8.81 12.41
N TYR A 150 14.13 -7.57 12.08
CA TYR A 150 12.87 -7.18 11.43
C TYR A 150 12.45 -8.11 10.28
N PRO A 151 13.32 -8.29 9.28
CA PRO A 151 12.93 -9.18 8.18
C PRO A 151 12.59 -10.61 8.57
N ILE A 152 13.42 -11.24 9.39
CA ILE A 152 13.13 -12.62 9.80
C ILE A 152 11.84 -12.65 10.62
N MET A 153 11.55 -11.56 11.30
CA MET A 153 10.33 -11.47 12.08
C MET A 153 9.16 -11.46 11.11
N GLN A 154 9.31 -10.72 10.02
CA GLN A 154 8.24 -10.68 9.04
C GLN A 154 8.03 -12.06 8.46
N VAL A 155 9.11 -12.79 8.20
CA VAL A 155 9.01 -14.14 7.65
C VAL A 155 8.34 -15.12 8.62
N ASN A 156 8.63 -15.00 9.91
CA ASN A 156 8.04 -15.91 10.88
C ASN A 156 6.56 -15.63 11.07
N THR A 157 6.18 -14.38 10.88
CA THR A 157 4.79 -13.99 11.00
C THR A 157 4.00 -14.58 9.83
N SER A 158 4.59 -14.58 8.64
CA SER A 158 3.91 -15.15 7.48
C SER A 158 3.64 -16.62 7.77
N HIS A 159 4.58 -17.27 8.44
CA HIS A 159 4.46 -18.66 8.81
C HIS A 159 3.33 -18.82 9.83
N ARG A 160 3.42 -18.06 10.93
CA ARG A 160 2.43 -18.11 12.00
C ARG A 160 1.00 -17.82 11.56
N LEU A 161 0.81 -16.67 10.92
CA LEU A 161 -0.50 -16.26 10.44
C LEU A 161 -1.08 -17.27 9.46
N GLY A 162 -0.19 -17.95 8.73
CA GLY A 162 -0.63 -18.94 7.77
C GLY A 162 -1.68 -18.51 6.75
N VAL A 163 -1.45 -17.37 6.10
CA VAL A 163 -2.39 -16.90 5.10
C VAL A 163 -2.02 -17.52 3.75
N ASP A 164 -2.99 -17.58 2.82
CA ASP A 164 -2.73 -18.16 1.51
C ASP A 164 -2.08 -17.09 0.64
N VAL A 165 -2.49 -15.85 0.86
CA VAL A 165 -1.98 -14.72 0.10
C VAL A 165 -1.47 -13.61 1.01
N ALA A 166 -0.32 -13.05 0.63
CA ALA A 166 0.26 -11.96 1.39
C ALA A 166 0.37 -10.81 0.42
N VAL A 167 -0.15 -9.65 0.85
CA VAL A 167 -0.16 -8.45 0.02
C VAL A 167 0.77 -7.39 0.59
N GLY A 168 1.39 -6.62 -0.30
CA GLY A 168 2.27 -5.56 0.13
C GLY A 168 2.83 -4.80 -1.06
N GLY A 169 3.46 -3.66 -0.78
CA GLY A 169 4.04 -2.87 -1.85
C GLY A 169 5.29 -3.52 -2.40
N MET A 170 5.72 -3.09 -3.57
CA MET A 170 6.92 -3.62 -4.19
C MET A 170 8.15 -3.50 -3.29
N GLU A 171 8.14 -2.57 -2.34
CA GLU A 171 9.29 -2.41 -1.47
C GLU A 171 9.42 -3.58 -0.51
N GLN A 172 8.36 -4.39 -0.44
CA GLN A 172 8.35 -5.54 0.46
C GLN A 172 8.80 -6.82 -0.22
N ARG A 173 8.98 -6.79 -1.54
CA ARG A 173 9.35 -7.99 -2.29
C ARG A 173 10.60 -8.74 -1.84
N LYS A 174 11.66 -8.04 -1.45
CA LYS A 174 12.86 -8.76 -1.02
C LYS A 174 12.58 -9.55 0.26
N ILE A 175 11.85 -8.96 1.21
CA ILE A 175 11.52 -9.68 2.43
C ILE A 175 10.58 -10.84 2.05
N HIS A 176 9.79 -10.66 1.00
CA HIS A 176 8.87 -11.70 0.58
C HIS A 176 9.61 -12.84 -0.14
N MET A 177 10.66 -12.50 -0.88
CA MET A 177 11.44 -13.53 -1.58
C MET A 177 12.16 -14.34 -0.52
N LEU A 178 12.64 -13.64 0.49
CA LEU A 178 13.34 -14.27 1.61
C LEU A 178 12.41 -15.29 2.28
N ALA A 179 11.15 -14.94 2.45
CA ALA A 179 10.18 -15.85 3.05
C ALA A 179 9.89 -17.03 2.13
N ARG A 180 9.84 -16.76 0.83
CA ARG A 180 9.57 -17.81 -0.15
C ARG A 180 10.63 -18.90 -0.07
N GLU A 181 11.87 -18.50 0.22
CA GLU A 181 12.97 -19.45 0.31
C GLU A 181 13.07 -20.18 1.63
N LEU A 182 12.92 -19.42 2.71
CA LEU A 182 13.04 -19.97 4.06
C LEU A 182 11.88 -20.79 4.58
N LEU A 183 10.68 -20.45 4.16
CA LEU A 183 9.51 -21.16 4.64
C LEU A 183 9.16 -22.41 3.84
N PRO A 184 8.60 -23.43 4.52
CA PRO A 184 8.22 -24.68 3.88
C PRO A 184 6.99 -24.52 2.98
N LYS A 185 5.98 -23.81 3.48
CA LYS A 185 4.77 -23.56 2.71
C LYS A 185 4.90 -22.24 1.97
N LYS A 186 4.82 -22.29 0.64
CA LYS A 186 4.95 -21.10 -0.19
C LYS A 186 3.63 -20.32 -0.27
N VAL A 187 3.69 -19.06 0.12
CA VAL A 187 2.52 -18.20 0.11
C VAL A 187 2.58 -17.24 -1.07
N VAL A 188 1.44 -17.00 -1.71
CA VAL A 188 1.38 -16.11 -2.86
C VAL A 188 1.57 -14.64 -2.46
N MET A 189 2.49 -13.98 -3.15
CA MET A 189 2.81 -12.57 -2.90
C MET A 189 2.17 -11.68 -3.94
N ILE A 190 1.34 -10.75 -3.49
CA ILE A 190 0.73 -9.81 -4.43
C ILE A 190 1.40 -8.48 -4.10
N HIS A 191 2.11 -7.92 -5.07
CA HIS A 191 2.81 -6.67 -4.84
C HIS A 191 2.14 -5.53 -5.55
N ASN A 192 1.88 -4.49 -4.77
CA ASN A 192 1.25 -3.28 -5.28
C ASN A 192 2.33 -2.28 -5.66
N PRO A 193 2.06 -1.43 -6.64
CA PRO A 193 3.06 -0.44 -7.04
C PRO A 193 3.20 0.58 -5.92
N VAL A 194 4.31 1.29 -5.91
CA VAL A 194 4.55 2.31 -4.89
C VAL A 194 4.29 3.65 -5.54
N LEU A 195 3.34 4.40 -5.00
CA LEU A 195 2.99 5.70 -5.55
C LEU A 195 4.15 6.67 -5.42
N THR A 196 4.25 7.60 -6.36
CA THR A 196 5.31 8.61 -6.33
C THR A 196 4.85 9.78 -5.47
N GLY A 197 5.79 10.42 -4.79
CA GLY A 197 5.44 11.57 -3.96
C GLY A 197 4.88 12.69 -4.80
N LEU A 198 4.14 13.60 -4.18
CA LEU A 198 3.55 14.73 -4.88
C LEU A 198 4.59 15.61 -5.59
N ASP A 199 5.80 15.67 -5.04
CA ASP A 199 6.85 16.48 -5.66
C ASP A 199 7.60 15.66 -6.71
N GLY A 200 7.26 14.37 -6.78
CA GLY A 200 7.87 13.49 -7.76
C GLY A 200 9.33 13.14 -7.59
N GLU A 201 9.91 13.52 -6.46
CA GLU A 201 11.32 13.25 -6.21
C GLU A 201 11.55 11.81 -5.75
N GLY A 202 10.66 11.31 -4.90
CA GLY A 202 10.80 9.95 -4.42
C GLY A 202 9.44 9.28 -4.33
N LYS A 203 9.35 8.19 -3.59
CA LYS A 203 8.10 7.47 -3.43
C LYS A 203 7.28 8.14 -2.32
N MET A 204 5.97 7.96 -2.35
CA MET A 204 5.10 8.55 -1.35
C MET A 204 5.42 7.92 0.01
N SER A 205 5.60 8.76 1.03
CA SER A 205 5.95 8.27 2.37
C SER A 205 5.40 9.11 3.52
N SER A 206 5.00 8.44 4.60
CA SER A 206 4.47 9.11 5.77
C SER A 206 5.46 10.06 6.42
N SER A 207 6.75 9.74 6.28
CA SER A 207 7.80 10.55 6.88
C SER A 207 8.40 11.57 5.93
N LYS A 208 8.12 11.43 4.64
CA LYS A 208 8.67 12.35 3.65
C LYS A 208 7.72 13.52 3.35
N GLY A 209 6.54 13.49 3.95
CA GLY A 209 5.57 14.54 3.77
C GLY A 209 5.33 14.92 2.31
N ASN A 210 5.11 13.92 1.47
CA ASN A 210 4.87 14.14 0.06
C ASN A 210 3.66 13.32 -0.33
N PHE A 211 2.76 13.17 0.63
CA PHE A 211 1.56 12.35 0.43
C PHE A 211 0.27 13.13 0.60
N ILE A 212 -0.83 12.45 0.30
CA ILE A 212 -2.16 12.99 0.47
C ILE A 212 -2.79 12.04 1.47
N ALA A 213 -3.13 12.54 2.65
CA ALA A 213 -3.75 11.71 3.67
C ALA A 213 -5.22 11.55 3.32
N VAL A 214 -5.78 10.37 3.58
CA VAL A 214 -7.19 10.13 3.25
C VAL A 214 -8.13 11.07 3.98
N ASP A 215 -7.69 11.63 5.11
CA ASP A 215 -8.55 12.53 5.86
C ASP A 215 -8.17 14.00 5.68
N ASP A 216 -7.32 14.29 4.69
CA ASP A 216 -6.94 15.67 4.42
C ASP A 216 -8.23 16.40 4.03
N SER A 217 -8.27 17.71 4.27
CA SER A 217 -9.44 18.49 3.94
C SER A 217 -9.49 18.79 2.45
N PRO A 218 -10.69 19.06 1.91
CA PRO A 218 -10.83 19.36 0.48
C PRO A 218 -9.87 20.47 0.04
N GLU A 219 -9.72 21.50 0.86
CA GLU A 219 -8.82 22.61 0.54
C GLU A 219 -7.37 22.14 0.49
N GLU A 220 -6.99 21.34 1.48
CA GLU A 220 -5.64 20.79 1.57
C GLU A 220 -5.33 19.94 0.34
N ILE A 221 -6.28 19.09 -0.06
CA ILE A 221 -6.11 18.23 -1.23
C ILE A 221 -5.91 19.07 -2.48
N ARG A 222 -6.80 20.05 -2.68
CA ARG A 222 -6.70 20.92 -3.83
C ARG A 222 -5.34 21.59 -3.89
N ALA A 223 -4.89 22.11 -2.74
CA ALA A 223 -3.61 22.79 -2.67
C ALA A 223 -2.43 21.84 -2.90
N LYS A 224 -2.55 20.60 -2.42
CA LYS A 224 -1.47 19.65 -2.59
C LYS A 224 -1.33 19.26 -4.05
N ILE A 225 -2.46 19.00 -4.70
CA ILE A 225 -2.42 18.61 -6.10
C ILE A 225 -1.99 19.79 -6.98
N LYS A 226 -2.42 20.99 -6.63
CA LYS A 226 -2.06 22.16 -7.42
C LYS A 226 -0.54 22.31 -7.54
N LYS A 227 0.17 22.13 -6.43
CA LYS A 227 1.62 22.27 -6.41
C LYS A 227 2.36 21.03 -6.86
N ALA A 228 1.63 19.94 -7.05
CA ALA A 228 2.23 18.67 -7.45
C ALA A 228 2.96 18.65 -8.78
N TYR A 229 4.00 17.83 -8.83
CA TYR A 229 4.82 17.62 -10.02
C TYR A 229 3.87 17.02 -11.07
N CYS A 230 3.86 17.59 -12.27
CA CYS A 230 2.97 17.08 -13.31
C CYS A 230 3.31 17.70 -14.67
N PRO A 231 4.45 17.30 -15.26
CA PRO A 231 4.89 17.82 -16.56
C PRO A 231 3.95 17.43 -17.68
N ALA A 232 3.66 18.39 -18.56
CA ALA A 232 2.77 18.14 -19.69
C ALA A 232 3.38 17.05 -20.55
N GLY A 233 2.54 16.12 -20.99
CA GLY A 233 2.99 15.01 -21.81
C GLY A 233 3.80 13.94 -21.09
N VAL A 234 4.05 14.14 -19.80
CA VAL A 234 4.82 13.16 -19.04
C VAL A 234 3.95 12.36 -18.08
N VAL A 235 3.98 11.04 -18.25
CA VAL A 235 3.18 10.14 -17.42
C VAL A 235 4.03 9.45 -16.35
N GLU A 236 5.23 9.02 -16.72
CA GLU A 236 6.08 8.32 -15.79
C GLU A 236 6.52 9.25 -14.65
N GLY A 237 6.30 8.79 -13.42
CA GLY A 237 6.68 9.58 -12.25
C GLY A 237 5.73 10.73 -11.98
N ASN A 238 4.62 10.76 -12.71
CA ASN A 238 3.61 11.81 -12.55
C ASN A 238 2.61 11.32 -11.51
N PRO A 239 2.74 11.79 -10.25
CA PRO A 239 1.86 11.42 -9.15
C PRO A 239 0.39 11.64 -9.45
N ILE A 240 0.11 12.70 -10.21
CA ILE A 240 -1.27 13.04 -10.57
C ILE A 240 -1.86 12.00 -11.51
N MET A 241 -1.05 11.53 -12.45
CA MET A 241 -1.53 10.51 -13.38
C MET A 241 -1.71 9.19 -12.63
N GLU A 242 -0.86 8.93 -11.65
CA GLU A 242 -0.97 7.71 -10.86
C GLU A 242 -2.28 7.72 -10.09
N ILE A 243 -2.64 8.88 -9.54
CA ILE A 243 -3.89 8.98 -8.80
C ILE A 243 -5.07 8.70 -9.72
N ALA A 244 -5.03 9.24 -10.93
CA ALA A 244 -6.10 9.04 -11.90
C ALA A 244 -6.23 7.56 -12.25
N LYS A 245 -5.10 6.88 -12.35
CA LYS A 245 -5.08 5.47 -12.68
C LYS A 245 -5.55 4.57 -11.55
N TYR A 246 -5.09 4.83 -10.32
CA TYR A 246 -5.44 3.98 -9.19
C TYR A 246 -6.68 4.29 -8.37
N PHE A 247 -7.19 5.51 -8.43
CA PHE A 247 -8.35 5.84 -7.61
C PHE A 247 -9.62 6.31 -8.31
N LEU A 248 -9.47 6.91 -9.50
CA LEU A 248 -10.61 7.42 -10.25
C LEU A 248 -11.48 6.41 -10.98
N GLU A 249 -12.78 6.71 -11.04
CA GLU A 249 -13.75 5.87 -11.73
C GLU A 249 -13.87 6.37 -13.17
N TYR A 250 -14.08 5.46 -14.10
CA TYR A 250 -14.25 5.83 -15.49
C TYR A 250 -15.60 5.31 -15.97
N PRO A 251 -16.22 5.98 -16.95
CA PRO A 251 -15.74 7.19 -17.63
C PRO A 251 -15.51 8.38 -16.70
N LEU A 252 -14.46 9.14 -16.98
CA LEU A 252 -14.11 10.32 -16.20
C LEU A 252 -14.41 11.58 -17.01
N THR A 253 -15.30 12.42 -16.48
CA THR A 253 -15.66 13.66 -17.16
C THR A 253 -14.78 14.82 -16.73
N ILE A 254 -13.64 15.00 -17.41
CA ILE A 254 -12.73 16.09 -17.10
C ILE A 254 -13.41 17.42 -17.48
N LYS A 255 -13.90 18.14 -16.49
CA LYS A 255 -14.57 19.39 -16.74
C LYS A 255 -13.59 20.53 -16.98
N ARG A 256 -13.84 21.32 -18.02
CA ARG A 256 -12.99 22.47 -18.33
C ARG A 256 -13.72 23.48 -19.22
N PRO A 257 -13.31 24.76 -19.18
CA PRO A 257 -13.91 25.85 -19.96
C PRO A 257 -13.97 25.58 -21.47
N GLU A 258 -15.01 26.11 -22.12
CA GLU A 258 -15.18 25.95 -23.56
C GLU A 258 -14.01 26.66 -24.23
N LYS A 259 -13.52 27.69 -23.55
CA LYS A 259 -12.39 28.49 -24.00
C LYS A 259 -11.15 27.62 -24.20
N PHE A 260 -11.14 26.45 -23.56
CA PHE A 260 -10.03 25.52 -23.64
C PHE A 260 -10.39 24.17 -24.24
N GLY A 261 -11.58 24.05 -24.81
CA GLY A 261 -11.98 22.79 -25.40
C GLY A 261 -13.27 22.27 -24.81
N GLY A 262 -13.65 22.79 -23.66
CA GLY A 262 -14.88 22.36 -23.02
C GLY A 262 -14.76 21.02 -22.33
N ASP A 263 -15.82 20.64 -21.62
CA ASP A 263 -15.84 19.38 -20.90
C ASP A 263 -15.37 18.23 -21.77
N LEU A 264 -14.51 17.39 -21.20
CA LEU A 264 -13.98 16.23 -21.91
C LEU A 264 -14.34 14.96 -21.13
N THR A 265 -14.70 13.90 -21.87
CA THR A 265 -15.09 12.65 -21.25
C THR A 265 -14.18 11.51 -21.68
N VAL A 266 -13.48 10.93 -20.72
CA VAL A 266 -12.56 9.83 -20.99
C VAL A 266 -13.17 8.55 -20.44
N ASN A 267 -13.22 7.51 -21.27
CA ASN A 267 -13.80 6.24 -20.87
C ASN A 267 -12.85 5.27 -20.17
N SER A 268 -11.57 5.61 -20.14
CA SER A 268 -10.58 4.75 -19.50
C SER A 268 -9.31 5.53 -19.17
N TYR A 269 -8.55 5.03 -18.22
CA TYR A 269 -7.30 5.69 -17.86
C TYR A 269 -6.36 5.65 -19.07
N GLU A 270 -6.31 4.51 -19.74
CA GLU A 270 -5.47 4.36 -20.91
C GLU A 270 -5.72 5.49 -21.89
N GLU A 271 -6.99 5.80 -22.13
CA GLU A 271 -7.39 6.88 -23.03
C GLU A 271 -6.87 8.20 -22.49
N LEU A 272 -7.04 8.41 -21.18
CA LEU A 272 -6.56 9.62 -20.52
C LEU A 272 -5.06 9.71 -20.75
N GLU A 273 -4.41 8.56 -20.64
CA GLU A 273 -2.98 8.46 -20.84
C GLU A 273 -2.60 9.03 -22.21
N SER A 274 -3.32 8.63 -23.24
CA SER A 274 -3.07 9.11 -24.61
C SER A 274 -3.22 10.63 -24.68
N LEU A 275 -4.40 11.11 -24.32
CA LEU A 275 -4.71 12.54 -24.34
C LEU A 275 -3.63 13.37 -23.63
N PHE A 276 -3.22 12.92 -22.45
CA PHE A 276 -2.22 13.65 -21.69
C PHE A 276 -0.83 13.53 -22.32
N LYS A 277 -0.51 12.33 -22.77
CA LYS A 277 0.78 12.05 -23.38
C LYS A 277 0.94 12.83 -24.70
N ASN A 278 -0.16 12.98 -25.43
CA ASN A 278 -0.13 13.71 -26.69
C ASN A 278 -0.44 15.19 -26.48
N LYS A 279 -0.20 15.64 -25.25
CA LYS A 279 -0.40 17.03 -24.86
C LYS A 279 -1.74 17.68 -25.19
N GLU A 280 -2.78 16.88 -25.39
CA GLU A 280 -4.09 17.43 -25.69
C GLU A 280 -4.83 17.78 -24.41
N LEU A 281 -4.37 17.22 -23.30
CA LEU A 281 -4.97 17.50 -21.99
C LEU A 281 -3.94 18.24 -21.14
N HIS A 282 -4.30 19.44 -20.70
CA HIS A 282 -3.41 20.28 -19.92
C HIS A 282 -3.34 19.93 -18.43
N PRO A 283 -2.12 19.96 -17.85
CA PRO A 283 -1.86 19.65 -16.44
C PRO A 283 -2.86 20.28 -15.47
N MET A 284 -3.10 21.59 -15.64
CA MET A 284 -4.02 22.31 -14.76
C MET A 284 -5.41 21.69 -14.82
N ASP A 285 -5.81 21.24 -16.02
CA ASP A 285 -7.11 20.63 -16.21
C ASP A 285 -7.15 19.21 -15.66
N LEU A 286 -6.01 18.52 -15.70
CA LEU A 286 -5.90 17.16 -15.20
C LEU A 286 -6.04 17.27 -13.68
N LYS A 287 -5.30 18.22 -13.10
CA LYS A 287 -5.30 18.46 -11.67
C LYS A 287 -6.68 18.80 -11.11
N ASN A 288 -7.35 19.79 -11.70
CA ASN A 288 -8.66 20.19 -11.22
C ASN A 288 -9.60 18.99 -11.18
N ALA A 289 -9.54 18.16 -12.21
CA ALA A 289 -10.39 16.98 -12.30
C ALA A 289 -10.02 15.89 -11.33
N VAL A 290 -8.73 15.64 -11.16
CA VAL A 290 -8.30 14.62 -10.23
C VAL A 290 -8.64 15.08 -8.81
N ALA A 291 -8.35 16.35 -8.52
CA ALA A 291 -8.62 16.92 -7.21
C ALA A 291 -10.07 16.81 -6.82
N GLU A 292 -10.98 17.12 -7.73
CA GLU A 292 -12.40 17.05 -7.40
C GLU A 292 -12.94 15.64 -7.25
N GLU A 293 -12.43 14.73 -8.06
CA GLU A 293 -12.87 13.33 -7.98
C GLU A 293 -12.31 12.68 -6.73
N LEU A 294 -11.05 12.99 -6.43
CA LEU A 294 -10.38 12.43 -5.26
C LEU A 294 -11.13 12.88 -4.00
N ILE A 295 -11.47 14.16 -3.93
CA ILE A 295 -12.19 14.70 -2.79
C ILE A 295 -13.50 13.93 -2.57
N LYS A 296 -14.23 13.67 -3.65
CA LYS A 296 -15.49 12.92 -3.54
C LYS A 296 -15.19 11.52 -3.02
N ILE A 297 -14.14 10.91 -3.56
CA ILE A 297 -13.73 9.56 -3.17
C ILE A 297 -13.48 9.44 -1.68
N LEU A 298 -12.65 10.32 -1.16
CA LEU A 298 -12.26 10.33 0.25
C LEU A 298 -13.30 10.87 1.22
N GLU A 299 -14.20 11.72 0.73
CA GLU A 299 -15.23 12.29 1.59
C GLU A 299 -15.85 11.32 2.59
N PRO A 300 -16.45 10.22 2.12
CA PRO A 300 -17.08 9.26 3.04
C PRO A 300 -16.14 8.87 4.18
N ILE A 301 -14.88 8.65 3.84
CA ILE A 301 -13.86 8.27 4.80
C ILE A 301 -13.58 9.39 5.79
N ARG A 302 -13.42 10.61 5.27
CA ARG A 302 -13.16 11.74 6.15
C ARG A 302 -14.34 12.00 7.08
N LYS A 303 -15.56 11.87 6.55
CA LYS A 303 -16.76 12.09 7.34
C LYS A 303 -16.79 11.12 8.53
N ARG A 304 -16.53 9.85 8.26
CA ARG A 304 -16.53 8.84 9.32
C ARG A 304 -15.48 9.12 10.40
N LEU A 305 -14.30 9.56 10.00
CA LEU A 305 -13.25 9.86 10.97
C LEU A 305 -13.62 11.10 11.79
N LEU A 306 -14.59 11.86 11.32
CA LEU A 306 -15.04 13.05 12.03
C LEU A 306 -16.38 12.80 12.73
#